data_5VM8
#
_entry.id   5VM8
#
_cell.length_a   63.300
_cell.length_b   71.540
_cell.length_c   120.650
_cell.angle_alpha   90.000
_cell.angle_beta   90.000
_cell.angle_gamma   90.000
#
_symmetry.space_group_name_H-M   'P 21 21 21'
#
loop_
_entity.id
_entity.type
_entity.pdbx_description
1 polymer 'Ribosomal RNA small subunit methyltransferase E'
2 non-polymer S-ADENOSYLMETHIONINE
3 water water
#
_entity_poly.entity_id   1
_entity_poly.type   'polypeptide(L)'
_entity_poly.pdbx_seq_one_letter_code
;MAHHHHHHMPRFYLPENLSVGQTVDLPDNIVRHLNVLRVRPNENITLFDGKGKAHTARLTVLEKHRAEAEILHEDTTDNE
SPLNITLIQSISSGDRMDFTLQKSVELGVTAIQPVISERCIVRLDGERAAKRLARWQEIVISACEQSGRNTVPPVLPIIG
YREALDKMPSENTKLIMSINRACKLGDIRHPSGAIVFMVGPEGGWTEQEEQQAFEAGFQAVTLGKRILRTETAPLAAIAA
MQTLWGDFT
;
_entity_poly.pdbx_strand_id   A,B
#
loop_
_chem_comp.id
_chem_comp.type
_chem_comp.name
_chem_comp.formula
SAM non-polymer S-ADENOSYLMETHIONINE 'C15 H22 N6 O5 S'
#
# COMPACT_ATOMS: atom_id res chain seq x y z
N HIS A 8 -4.35 14.08 -17.98
CA HIS A 8 -5.05 15.15 -18.69
C HIS A 8 -6.55 14.85 -18.83
N MET A 9 -6.89 14.04 -19.85
CA MET A 9 -8.25 13.67 -20.24
C MET A 9 -8.83 12.61 -19.30
N PRO A 10 -10.09 12.75 -18.89
CA PRO A 10 -10.71 11.74 -18.01
C PRO A 10 -10.85 10.42 -18.75
N ARG A 11 -10.64 9.33 -18.02
CA ARG A 11 -10.60 7.98 -18.58
C ARG A 11 -11.82 7.17 -18.18
N PHE A 12 -12.41 6.50 -19.16
CA PHE A 12 -13.61 5.72 -18.95
C PHE A 12 -13.44 4.36 -19.61
N TYR A 13 -13.77 3.32 -18.85
CA TYR A 13 -13.75 1.94 -19.32
C TYR A 13 -15.00 1.68 -20.16
N LEU A 14 -14.80 1.25 -21.41
CA LEU A 14 -15.90 0.91 -22.31
C LEU A 14 -15.54 -0.38 -23.05
N PRO A 15 -16.04 -1.53 -22.58
CA PRO A 15 -15.62 -2.81 -23.19
C PRO A 15 -16.24 -3.04 -24.57
N GLU A 16 -15.90 -2.19 -25.53
CA GLU A 16 -16.46 -2.30 -26.88
C GLU A 16 -15.38 -1.99 -27.91
N ASN A 17 -15.55 -2.58 -29.09
CA ASN A 17 -14.63 -2.30 -30.20
C ASN A 17 -14.98 -0.95 -30.84
N LEU A 18 -13.97 -0.09 -30.95
CA LEU A 18 -14.15 1.29 -31.42
C LEU A 18 -13.42 1.48 -32.74
N SER A 19 -14.10 2.13 -33.69
CA SER A 19 -13.51 2.44 -34.97
C SER A 19 -13.01 3.88 -34.96
N VAL A 20 -11.94 4.12 -35.70
CA VAL A 20 -11.21 5.38 -35.64
C VAL A 20 -12.01 6.57 -36.16
N GLY A 21 -13.25 6.34 -36.61
CA GLY A 21 -14.09 7.46 -36.99
C GLY A 21 -15.57 7.37 -36.67
N GLN A 22 -15.97 6.38 -35.86
CA GLN A 22 -17.38 6.08 -35.60
C GLN A 22 -17.86 6.80 -34.35
N THR A 23 -19.03 7.43 -34.42
CA THR A 23 -19.68 8.06 -33.28
C THR A 23 -20.79 7.16 -32.75
N VAL A 24 -20.62 6.65 -31.53
CA VAL A 24 -21.53 5.71 -30.89
C VAL A 24 -21.91 6.27 -29.52
N ASP A 25 -23.10 5.87 -29.04
CA ASP A 25 -23.64 6.34 -27.77
C ASP A 25 -23.13 5.50 -26.60
N LEU A 26 -22.67 6.20 -25.52
CA LEU A 26 -22.02 5.66 -24.34
C LEU A 26 -23.03 5.06 -23.37
N PRO A 27 -22.64 4.06 -22.58
CA PRO A 27 -23.59 3.38 -21.70
C PRO A 27 -24.00 4.24 -20.50
N ASP A 28 -24.99 3.72 -19.77
CA ASP A 28 -25.58 4.47 -18.67
C ASP A 28 -24.57 4.77 -17.56
N ASN A 29 -23.60 3.88 -17.34
CA ASN A 29 -22.61 4.11 -16.30
C ASN A 29 -21.61 5.21 -16.67
N ILE A 30 -21.31 5.35 -17.96
CA ILE A 30 -20.39 6.41 -18.37
C ILE A 30 -21.10 7.75 -18.37
N VAL A 31 -22.43 7.74 -18.55
CA VAL A 31 -23.21 8.98 -18.50
C VAL A 31 -23.16 9.60 -17.10
N ARG A 32 -23.45 8.79 -16.07
CA ARG A 32 -23.38 9.29 -14.70
C ARG A 32 -21.97 9.73 -14.36
N HIS A 33 -20.96 8.97 -14.83
CA HIS A 33 -19.56 9.31 -14.60
C HIS A 33 -19.20 10.64 -15.24
N LEU A 34 -19.64 10.87 -16.48
CA LEU A 34 -19.37 12.13 -17.15
C LEU A 34 -20.01 13.31 -16.42
N ASN A 35 -21.26 13.14 -15.97
CA ASN A 35 -21.95 14.24 -15.30
C ASN A 35 -21.30 14.58 -13.96
N VAL A 36 -20.93 13.56 -13.16
CA VAL A 36 -20.33 13.84 -11.86
C VAL A 36 -19.00 14.57 -12.02
N LEU A 37 -18.23 14.21 -13.06
CA LEU A 37 -16.97 14.92 -13.28
C LEU A 37 -17.16 16.27 -13.96
N ARG A 38 -18.40 16.65 -14.28
CA ARG A 38 -18.71 17.92 -14.93
C ARG A 38 -17.92 18.09 -16.23
N VAL A 39 -17.74 16.99 -16.95
CA VAL A 39 -17.04 17.04 -18.23
C VAL A 39 -17.93 17.74 -19.26
N ARG A 40 -17.42 18.93 -19.80
CA ARG A 40 -18.22 19.75 -20.70
C ARG A 40 -18.07 19.25 -22.15
N PRO A 41 -19.11 19.44 -22.97
CA PRO A 41 -19.03 19.01 -24.37
C PRO A 41 -17.96 19.74 -25.16
N ASN A 42 -17.40 19.01 -26.14
CA ASN A 42 -16.28 19.31 -27.04
C ASN A 42 -14.92 19.16 -26.35
N GLU A 43 -14.90 18.82 -25.06
CA GLU A 43 -13.66 18.36 -24.46
C GLU A 43 -13.44 16.89 -24.81
N ASN A 44 -12.18 16.47 -24.71
CA ASN A 44 -11.76 15.12 -25.09
C ASN A 44 -11.68 14.22 -23.87
N ILE A 45 -12.01 12.94 -24.08
CA ILE A 45 -11.97 11.89 -23.08
C ILE A 45 -11.23 10.68 -23.65
N THR A 46 -10.90 9.73 -22.77
CA THR A 46 -10.26 8.48 -23.18
C THR A 46 -11.23 7.33 -22.98
N LEU A 47 -11.35 6.48 -24.00
CA LEU A 47 -12.18 5.28 -23.95
C LEU A 47 -11.28 4.08 -24.19
N PHE A 48 -11.26 3.15 -23.23
CA PHE A 48 -10.45 1.94 -23.39
C PHE A 48 -11.31 0.70 -23.15
N ASP A 49 -11.00 -0.36 -23.92
CA ASP A 49 -11.83 -1.55 -23.90
C ASP A 49 -11.37 -2.59 -22.88
N GLY A 50 -10.33 -2.28 -22.10
CA GLY A 50 -9.87 -3.21 -21.08
C GLY A 50 -9.03 -4.33 -21.62
N LYS A 51 -8.91 -4.45 -22.94
CA LYS A 51 -8.15 -5.49 -23.60
C LYS A 51 -6.82 -4.97 -24.13
N GLY A 52 -6.46 -3.73 -23.81
CA GLY A 52 -5.19 -3.13 -24.17
C GLY A 52 -5.25 -2.02 -25.21
N LYS A 53 -6.43 -1.68 -25.74
CA LYS A 53 -6.55 -0.67 -26.78
C LYS A 53 -7.41 0.48 -26.29
N ALA A 54 -6.92 1.71 -26.44
CA ALA A 54 -7.67 2.88 -26.03
C ALA A 54 -7.84 3.82 -27.23
N HIS A 55 -8.79 4.73 -27.10
CA HIS A 55 -9.03 5.73 -28.13
C HIS A 55 -9.23 7.08 -27.47
N THR A 56 -8.88 8.12 -28.22
CA THR A 56 -9.21 9.49 -27.84
C THR A 56 -10.52 9.82 -28.54
N ALA A 57 -11.44 10.43 -27.80
CA ALA A 57 -12.75 10.75 -28.34
C ALA A 57 -13.15 12.17 -27.96
N ARG A 58 -13.85 12.84 -28.87
CA ARG A 58 -14.39 14.17 -28.59
C ARG A 58 -15.82 14.00 -28.10
N LEU A 59 -16.12 14.54 -26.90
CA LEU A 59 -17.46 14.45 -26.32
C LEU A 59 -18.43 15.30 -27.13
N THR A 60 -19.36 14.66 -27.83
CA THR A 60 -20.33 15.35 -28.69
C THR A 60 -21.57 15.82 -27.92
N VAL A 61 -22.33 14.89 -27.36
CA VAL A 61 -23.53 15.22 -26.59
C VAL A 61 -23.37 14.72 -25.16
N LEU A 62 -24.07 15.38 -24.23
CA LEU A 62 -24.19 14.91 -22.85
C LEU A 62 -25.48 15.48 -22.26
N GLU A 63 -26.41 14.59 -21.90
CA GLU A 63 -27.68 14.94 -21.29
C GLU A 63 -27.79 14.27 -19.90
N LYS A 64 -28.98 14.34 -19.30
CA LYS A 64 -29.14 13.76 -17.97
C LYS A 64 -29.10 12.23 -17.99
N HIS A 65 -29.45 11.61 -19.13
CA HIS A 65 -29.45 10.15 -19.20
C HIS A 65 -29.05 9.64 -20.58
N ARG A 66 -28.13 10.34 -21.26
CA ARG A 66 -27.66 9.95 -22.59
C ARG A 66 -26.30 10.59 -22.84
N ALA A 67 -25.48 9.93 -23.66
CA ALA A 67 -24.16 10.45 -23.99
C ALA A 67 -23.67 9.89 -25.33
N GLU A 68 -22.99 10.75 -26.11
CA GLU A 68 -22.43 10.42 -27.42
C GLU A 68 -20.99 10.91 -27.50
N ALA A 69 -20.17 10.22 -28.31
CA ALA A 69 -18.77 10.60 -28.48
C ALA A 69 -18.30 10.22 -29.88
N GLU A 70 -17.31 10.96 -30.38
CA GLU A 70 -16.72 10.76 -31.70
C GLU A 70 -15.26 10.38 -31.55
N ILE A 71 -14.83 9.33 -32.24
CA ILE A 71 -13.49 8.77 -32.07
C ILE A 71 -12.47 9.57 -32.89
N LEU A 72 -11.59 10.30 -32.20
CA LEU A 72 -10.58 11.10 -32.88
C LEU A 72 -9.39 10.28 -33.34
N HIS A 73 -8.77 9.50 -32.46
CA HIS A 73 -7.54 8.77 -32.80
C HIS A 73 -7.28 7.71 -31.74
N GLU A 74 -6.33 6.82 -32.03
CA GLU A 74 -6.02 5.70 -31.16
C GLU A 74 -4.77 6.01 -30.33
N ASP A 75 -4.85 5.77 -29.03
CA ASP A 75 -3.73 6.03 -28.13
C ASP A 75 -2.76 4.85 -28.16
N THR A 76 -1.48 5.16 -28.41
CA THR A 76 -0.42 4.15 -28.36
C THR A 76 0.17 4.20 -26.95
N THR A 77 -0.55 3.56 -26.03
CA THR A 77 -0.30 3.73 -24.61
C THR A 77 -0.33 2.36 -23.94
N ASP A 78 0.82 1.88 -23.50
CA ASP A 78 0.91 0.64 -22.75
C ASP A 78 1.66 0.86 -21.44
N ASN A 79 0.92 0.84 -20.34
CA ASN A 79 1.42 1.01 -18.98
C ASN A 79 1.59 -0.30 -18.23
N GLU A 80 1.37 -1.43 -18.89
CA GLU A 80 1.39 -2.72 -18.21
C GLU A 80 2.80 -3.12 -17.81
N SER A 81 2.92 -3.75 -16.65
CA SER A 81 4.15 -4.44 -16.30
C SER A 81 4.27 -5.70 -17.14
N PRO A 82 5.47 -6.04 -17.61
CA PRO A 82 5.65 -7.28 -18.36
C PRO A 82 5.63 -8.50 -17.46
N LEU A 83 5.72 -8.27 -16.15
CA LEU A 83 5.64 -9.34 -15.16
C LEU A 83 4.18 -9.75 -14.96
N ASN A 84 3.93 -11.04 -14.97
CA ASN A 84 2.59 -11.61 -14.82
C ASN A 84 2.39 -12.07 -13.38
N ILE A 85 1.55 -11.37 -12.63
CA ILE A 85 1.27 -11.68 -11.23
C ILE A 85 -0.22 -11.95 -11.05
N THR A 86 -0.56 -13.16 -10.61
CA THR A 86 -1.92 -13.46 -10.15
C THR A 86 -1.90 -13.39 -8.62
N LEU A 87 -2.75 -12.52 -8.07
CA LEU A 87 -2.96 -12.43 -6.62
C LEU A 87 -4.10 -13.36 -6.26
N ILE A 88 -3.79 -14.45 -5.56
CA ILE A 88 -4.81 -15.30 -4.96
C ILE A 88 -5.03 -14.81 -3.54
N GLN A 89 -6.19 -14.19 -3.31
CA GLN A 89 -6.53 -13.49 -2.07
C GLN A 89 -7.72 -14.16 -1.38
N SER A 90 -7.52 -14.60 -0.15
CA SER A 90 -8.64 -15.08 0.65
C SER A 90 -9.58 -13.93 0.99
N ILE A 91 -10.89 -14.20 0.85
CA ILE A 91 -11.91 -13.17 1.04
C ILE A 91 -11.74 -12.58 2.42
N SER A 92 -11.58 -11.25 2.48
CA SER A 92 -11.54 -10.49 3.71
C SER A 92 -12.64 -9.45 3.72
N SER A 93 -12.93 -8.90 4.91
CA SER A 93 -14.04 -7.97 5.05
C SER A 93 -13.64 -6.53 4.75
N GLY A 94 -14.60 -5.80 4.19
CA GLY A 94 -14.56 -4.38 3.86
C GLY A 94 -13.31 -3.73 3.32
N ASP A 95 -12.78 -2.79 4.11
CA ASP A 95 -11.62 -1.99 3.72
C ASP A 95 -10.41 -2.85 3.42
N ARG A 96 -10.23 -3.92 4.17
CA ARG A 96 -9.03 -4.72 3.93
C ARG A 96 -9.05 -5.33 2.53
N MET A 97 -10.20 -5.82 2.11
CA MET A 97 -10.37 -6.37 0.78
C MET A 97 -10.33 -5.27 -0.29
N ASP A 98 -11.08 -4.19 -0.07
CA ASP A 98 -11.19 -3.11 -1.05
C ASP A 98 -9.84 -2.46 -1.34
N PHE A 99 -9.07 -2.14 -0.27
CA PHE A 99 -7.73 -1.59 -0.45
C PHE A 99 -6.81 -2.59 -1.12
N THR A 100 -6.90 -3.87 -0.74
CA THR A 100 -6.08 -4.86 -1.40
C THR A 100 -6.38 -4.84 -2.90
N LEU A 101 -7.65 -4.85 -3.26
CA LEU A 101 -8.03 -4.90 -4.67
C LEU A 101 -7.60 -3.63 -5.39
N GLN A 102 -7.86 -2.48 -4.79
CA GLN A 102 -7.55 -1.22 -5.47
C GLN A 102 -6.04 -1.02 -5.65
N LYS A 103 -5.26 -1.18 -4.57
CA LYS A 103 -3.84 -0.84 -4.65
C LYS A 103 -3.07 -1.87 -5.46
N SER A 104 -3.51 -3.13 -5.42
CA SER A 104 -2.85 -4.16 -6.20
C SER A 104 -3.00 -3.89 -7.70
N VAL A 105 -4.13 -3.30 -8.10
CA VAL A 105 -4.32 -2.87 -9.49
C VAL A 105 -3.41 -1.69 -9.83
N GLU A 106 -3.31 -0.71 -8.94
CA GLU A 106 -2.36 0.39 -9.17
C GLU A 106 -0.95 -0.15 -9.30
N LEU A 107 -0.61 -1.21 -8.56
CA LEU A 107 0.73 -1.78 -8.60
C LEU A 107 0.90 -2.79 -9.71
N GLY A 108 -0.11 -2.99 -10.57
CA GLY A 108 0.06 -3.69 -11.81
C GLY A 108 -0.27 -5.17 -11.82
N VAL A 109 -0.98 -5.66 -10.80
CA VAL A 109 -1.33 -7.07 -10.75
C VAL A 109 -2.12 -7.44 -12.00
N THR A 110 -1.89 -8.63 -12.54
CA THR A 110 -2.51 -8.99 -13.82
C THR A 110 -3.80 -9.76 -13.67
N ALA A 111 -4.00 -10.47 -12.56
CA ALA A 111 -5.27 -11.15 -12.32
C ALA A 111 -5.46 -11.35 -10.82
N ILE A 112 -6.71 -11.52 -10.42
CA ILE A 112 -7.10 -11.66 -9.03
C ILE A 112 -8.06 -12.83 -8.91
N GLN A 113 -7.73 -13.78 -8.04
CA GLN A 113 -8.52 -14.99 -7.79
C GLN A 113 -8.96 -14.94 -6.34
N PRO A 114 -10.16 -14.42 -6.07
CA PRO A 114 -10.67 -14.46 -4.68
C PRO A 114 -11.02 -15.87 -4.28
N VAL A 115 -10.68 -16.24 -3.06
CA VAL A 115 -10.90 -17.61 -2.59
C VAL A 115 -11.47 -17.59 -1.19
N ILE A 116 -12.27 -18.62 -0.90
CA ILE A 116 -12.76 -18.85 0.44
C ILE A 116 -11.76 -19.77 1.13
N SER A 117 -11.21 -19.31 2.22
CA SER A 117 -10.35 -20.13 3.06
C SER A 117 -11.07 -20.37 4.37
N GLU A 118 -10.43 -21.14 5.24
CA GLU A 118 -11.08 -21.60 6.44
C GLU A 118 -11.58 -20.44 7.28
N ARG A 119 -10.74 -19.44 7.49
CA ARG A 119 -11.04 -18.35 8.39
C ARG A 119 -11.76 -17.18 7.73
N CYS A 120 -12.47 -17.43 6.64
CA CYS A 120 -13.33 -16.44 6.04
C CYS A 120 -14.49 -16.07 6.98
N ILE A 121 -14.66 -14.77 7.21
CA ILE A 121 -15.73 -14.21 8.03
C ILE A 121 -16.67 -13.33 7.19
N VAL A 122 -16.62 -13.46 5.88
CA VAL A 122 -17.48 -12.68 5.00
C VAL A 122 -18.66 -13.56 4.59
N ARG A 123 -19.86 -13.02 4.77
CA ARG A 123 -21.06 -13.73 4.40
C ARG A 123 -21.17 -13.79 2.88
N LEU A 124 -21.33 -14.99 2.32
CA LEU A 124 -21.42 -15.14 0.87
C LEU A 124 -22.67 -15.85 0.35
N ASP A 125 -23.62 -16.21 1.23
CA ASP A 125 -24.80 -16.96 0.80
C ASP A 125 -25.79 -16.07 0.04
N GLY A 126 -26.76 -16.72 -0.59
CA GLY A 126 -27.74 -16.02 -1.39
C GLY A 126 -27.09 -15.39 -2.61
N GLU A 127 -27.53 -14.16 -2.92
CA GLU A 127 -26.92 -13.36 -3.99
C GLU A 127 -25.64 -12.65 -3.57
N ARG A 128 -25.20 -12.80 -2.31
CA ARG A 128 -24.09 -11.99 -1.82
C ARG A 128 -22.80 -12.23 -2.59
N ALA A 129 -22.50 -13.48 -2.93
CA ALA A 129 -21.24 -13.75 -3.61
C ALA A 129 -21.16 -13.01 -4.93
N ALA A 130 -22.23 -13.09 -5.73
CA ALA A 130 -22.30 -12.38 -7.00
C ALA A 130 -22.23 -10.86 -6.80
N LYS A 131 -22.90 -10.35 -5.76
CA LYS A 131 -22.90 -8.90 -5.56
C LYS A 131 -21.53 -8.39 -5.15
N ARG A 132 -20.80 -9.16 -4.32
CA ARG A 132 -19.45 -8.74 -3.94
C ARG A 132 -18.48 -8.84 -5.12
N LEU A 133 -18.55 -9.93 -5.88
CA LEU A 133 -17.72 -10.05 -7.08
C LEU A 133 -17.93 -8.85 -8.00
N ALA A 134 -19.18 -8.48 -8.25
CA ALA A 134 -19.47 -7.35 -9.13
C ALA A 134 -18.96 -6.04 -8.56
N ARG A 135 -19.07 -5.87 -7.23
CA ARG A 135 -18.50 -4.66 -6.63
C ARG A 135 -16.98 -4.70 -6.69
N TRP A 136 -16.39 -5.88 -6.44
CA TRP A 136 -14.96 -6.03 -6.57
C TRP A 136 -14.52 -5.72 -7.99
N GLN A 137 -15.30 -6.18 -8.98
CA GLN A 137 -14.94 -5.92 -10.37
C GLN A 137 -14.96 -4.42 -10.65
N GLU A 138 -15.93 -3.70 -10.08
CA GLU A 138 -16.05 -2.25 -10.27
C GLU A 138 -14.91 -1.49 -9.58
N ILE A 139 -14.44 -1.96 -8.41
CA ILE A 139 -13.29 -1.29 -7.81
C ILE A 139 -12.06 -1.44 -8.68
N VAL A 140 -11.87 -2.62 -9.27
CA VAL A 140 -10.74 -2.85 -10.17
C VAL A 140 -10.84 -1.94 -11.40
N ILE A 141 -12.04 -1.82 -11.96
CA ILE A 141 -12.22 -1.01 -13.16
C ILE A 141 -11.88 0.45 -12.87
N SER A 142 -12.37 0.95 -11.75
CA SER A 142 -12.09 2.33 -11.36
C SER A 142 -10.60 2.56 -11.17
N ALA A 143 -9.90 1.58 -10.59
CA ALA A 143 -8.47 1.72 -10.36
C ALA A 143 -7.71 1.74 -11.67
N CYS A 144 -8.23 1.05 -12.69
CA CYS A 144 -7.63 1.15 -14.02
C CYS A 144 -7.87 2.52 -14.63
N GLU A 145 -9.07 3.05 -14.47
CA GLU A 145 -9.38 4.39 -14.97
C GLU A 145 -8.45 5.44 -14.34
N GLN A 146 -8.15 5.32 -13.05
CA GLN A 146 -7.31 6.29 -12.35
C GLN A 146 -5.82 6.11 -12.63
N SER A 147 -5.32 4.87 -12.55
CA SER A 147 -3.90 4.63 -12.66
C SER A 147 -3.42 4.62 -14.11
N GLY A 148 -4.35 4.72 -15.05
CA GLY A 148 -3.98 4.73 -16.46
C GLY A 148 -3.74 3.37 -17.08
N ARG A 149 -4.36 2.31 -16.56
CA ARG A 149 -4.21 1.02 -17.21
C ARG A 149 -5.31 0.86 -18.25
N ASN A 150 -4.92 0.45 -19.46
CA ASN A 150 -5.87 0.13 -20.52
C ASN A 150 -6.17 -1.35 -20.59
N THR A 151 -5.52 -2.13 -19.73
CA THR A 151 -5.80 -3.55 -19.56
C THR A 151 -6.41 -3.71 -18.18
N VAL A 152 -7.60 -4.33 -18.12
CA VAL A 152 -8.34 -4.48 -16.88
C VAL A 152 -8.09 -5.90 -16.37
N PRO A 153 -7.44 -6.07 -15.23
CA PRO A 153 -7.25 -7.42 -14.68
C PRO A 153 -8.58 -8.01 -14.28
N PRO A 154 -8.83 -9.27 -14.63
CA PRO A 154 -10.12 -9.90 -14.23
C PRO A 154 -10.15 -10.21 -12.75
N VAL A 155 -11.34 -10.12 -12.17
CA VAL A 155 -11.60 -10.70 -10.86
C VAL A 155 -12.32 -12.01 -11.12
N LEU A 156 -11.64 -13.10 -10.93
CA LEU A 156 -12.15 -14.40 -11.32
C LEU A 156 -13.25 -14.89 -10.36
N PRO A 157 -14.15 -15.74 -10.83
CA PRO A 157 -15.21 -16.26 -9.94
C PRO A 157 -14.64 -16.89 -8.67
N ILE A 158 -15.35 -16.69 -7.57
CA ILE A 158 -14.94 -17.22 -6.28
C ILE A 158 -14.87 -18.74 -6.31
N ILE A 159 -13.81 -19.28 -5.72
CA ILE A 159 -13.65 -20.71 -5.49
C ILE A 159 -13.06 -20.91 -4.10
N GLY A 160 -13.09 -22.14 -3.63
CA GLY A 160 -12.45 -22.45 -2.38
C GLY A 160 -10.94 -22.50 -2.52
N TYR A 161 -10.27 -22.44 -1.37
CA TYR A 161 -8.81 -22.45 -1.33
C TYR A 161 -8.25 -23.70 -1.97
N ARG A 162 -8.75 -24.87 -1.57
CA ARG A 162 -8.19 -26.14 -2.05
C ARG A 162 -8.28 -26.25 -3.58
N GLU A 163 -9.44 -25.89 -4.15
CA GLU A 163 -9.61 -25.98 -5.59
C GLU A 163 -8.66 -25.04 -6.32
N ALA A 164 -8.40 -23.86 -5.75
CA ALA A 164 -7.51 -22.88 -6.39
C ALA A 164 -6.04 -23.29 -6.38
N LEU A 165 -5.64 -24.22 -5.50
CA LEU A 165 -4.24 -24.64 -5.43
C LEU A 165 -3.80 -25.34 -6.72
N ASP A 166 -4.67 -26.17 -7.28
CA ASP A 166 -4.36 -26.98 -8.43
C ASP A 166 -4.61 -26.27 -9.77
N LYS A 167 -4.70 -24.93 -9.76
CA LYS A 167 -5.15 -24.22 -10.95
C LYS A 167 -4.02 -23.89 -11.93
N MET A 168 -2.94 -23.30 -11.46
CA MET A 168 -1.90 -22.78 -12.34
C MET A 168 -1.02 -23.91 -12.87
N PRO A 169 -0.32 -23.68 -13.97
CA PRO A 169 0.61 -24.71 -14.47
C PRO A 169 1.75 -24.92 -13.49
N SER A 170 2.38 -26.09 -13.61
CA SER A 170 3.46 -26.46 -12.70
C SER A 170 4.62 -25.48 -12.78
N GLU A 171 4.96 -25.02 -13.98
CA GLU A 171 6.13 -24.18 -14.20
C GLU A 171 6.02 -22.80 -13.55
N ASN A 172 4.83 -22.39 -13.10
CA ASN A 172 4.68 -21.09 -12.46
C ASN A 172 5.48 -21.00 -11.17
N THR A 173 5.82 -19.77 -10.80
CA THR A 173 6.42 -19.49 -9.50
C THR A 173 5.30 -19.32 -8.51
N LYS A 174 5.28 -20.17 -7.49
CA LYS A 174 4.13 -20.33 -6.60
C LYS A 174 4.57 -19.94 -5.20
N LEU A 175 4.00 -18.84 -4.73
CA LEU A 175 4.42 -18.15 -3.53
C LEU A 175 3.24 -18.04 -2.58
N ILE A 176 3.48 -18.30 -1.29
CA ILE A 176 2.52 -18.04 -0.24
C ILE A 176 3.17 -17.20 0.83
N MET A 177 2.51 -16.12 1.23
CA MET A 177 2.99 -15.29 2.34
C MET A 177 2.73 -16.01 3.65
N SER A 178 3.81 -16.40 4.30
CA SER A 178 3.69 -17.15 5.53
C SER A 178 5.06 -17.11 6.16
N ILE A 179 5.08 -17.25 7.49
CA ILE A 179 6.33 -17.21 8.20
C ILE A 179 6.90 -18.60 8.38
N ASN A 180 6.17 -19.63 7.97
CA ASN A 180 6.52 -21.01 8.26
C ASN A 180 7.15 -21.65 7.03
N ARG A 181 8.32 -22.28 7.23
CA ARG A 181 9.08 -22.91 6.15
C ARG A 181 9.36 -21.92 5.03
N ALA A 182 9.89 -20.75 5.43
CA ALA A 182 10.01 -19.59 4.55
C ALA A 182 11.45 -19.22 4.20
N CYS A 183 11.55 -18.45 3.12
CA CYS A 183 12.74 -17.73 2.67
C CYS A 183 12.32 -16.31 2.30
N LYS A 184 13.29 -15.44 2.07
CA LYS A 184 12.86 -14.12 1.66
C LYS A 184 12.43 -14.18 0.20
N LEU A 185 11.60 -13.23 -0.18
CA LEU A 185 11.14 -13.12 -1.56
C LEU A 185 12.30 -12.87 -2.51
N GLY A 186 13.32 -12.13 -2.07
CA GLY A 186 14.46 -11.92 -2.94
C GLY A 186 15.30 -13.17 -3.09
N ASP A 187 15.36 -14.01 -2.05
CA ASP A 187 16.18 -15.22 -2.03
C ASP A 187 15.54 -16.39 -2.76
N ILE A 188 14.39 -16.19 -3.45
CA ILE A 188 13.75 -17.28 -4.18
C ILE A 188 14.42 -17.43 -5.53
N ARG A 189 14.36 -18.65 -6.07
CA ARG A 189 14.86 -18.91 -7.40
C ARG A 189 14.27 -17.88 -8.35
N HIS A 190 15.12 -17.31 -9.20
CA HIS A 190 14.67 -16.26 -10.11
C HIS A 190 13.48 -16.76 -10.92
N PRO A 191 12.32 -16.13 -10.83
CA PRO A 191 11.16 -16.60 -11.59
C PRO A 191 11.42 -16.43 -13.07
N SER A 192 11.07 -17.45 -13.84
CA SER A 192 11.25 -17.36 -15.29
C SER A 192 9.99 -16.89 -15.99
N GLY A 193 8.83 -17.30 -15.50
CA GLY A 193 7.59 -16.93 -16.15
C GLY A 193 6.59 -16.23 -15.24
N ALA A 194 5.42 -16.83 -15.09
CA ALA A 194 4.37 -16.18 -14.34
C ALA A 194 4.53 -16.45 -12.83
N ILE A 195 3.95 -15.57 -12.04
CA ILE A 195 3.95 -15.63 -10.59
C ILE A 195 2.51 -15.79 -10.10
N VAL A 196 2.33 -16.68 -9.13
CA VAL A 196 1.06 -16.89 -8.46
C VAL A 196 1.34 -16.66 -6.99
N PHE A 197 0.58 -15.76 -6.41
CA PHE A 197 0.89 -15.25 -5.09
C PHE A 197 -0.35 -15.39 -4.23
N MET A 198 -0.22 -16.03 -3.06
CA MET A 198 -1.35 -16.40 -2.22
C MET A 198 -1.34 -15.65 -0.90
N VAL A 199 -2.45 -15.03 -0.56
CA VAL A 199 -2.53 -14.22 0.64
C VAL A 199 -3.74 -14.64 1.47
N GLY A 200 -3.58 -14.69 2.79
CA GLY A 200 -4.63 -15.06 3.68
C GLY A 200 -5.52 -13.92 4.15
N PRO A 201 -6.57 -14.28 4.88
CA PRO A 201 -7.48 -13.28 5.41
C PRO A 201 -6.96 -12.71 6.70
N GLU A 202 -7.79 -11.89 7.38
CA GLU A 202 -7.45 -11.36 8.70
C GLU A 202 -6.95 -12.47 9.61
N GLY A 203 -7.75 -13.54 9.76
CA GLY A 203 -7.43 -14.62 10.67
C GLY A 203 -6.23 -15.47 10.28
N GLY A 204 -5.75 -15.35 9.03
CA GLY A 204 -4.56 -16.07 8.62
C GLY A 204 -4.83 -17.45 8.09
N TRP A 205 -3.73 -18.15 7.82
CA TRP A 205 -3.78 -19.54 7.35
C TRP A 205 -3.91 -20.53 8.50
N THR A 206 -4.65 -21.62 8.25
CA THR A 206 -4.55 -22.74 9.20
C THR A 206 -3.32 -23.59 8.90
N GLU A 207 -2.91 -24.37 9.91
CA GLU A 207 -1.76 -25.25 9.79
C GLU A 207 -1.90 -26.21 8.62
N GLN A 208 -3.10 -26.78 8.46
CA GLN A 208 -3.36 -27.69 7.33
C GLN A 208 -3.34 -26.93 6.01
N GLU A 209 -3.84 -25.69 6.00
CA GLU A 209 -3.82 -24.92 4.76
C GLU A 209 -2.39 -24.66 4.30
N GLU A 210 -1.46 -24.46 5.23
CA GLU A 210 -0.06 -24.28 4.85
C GLU A 210 0.51 -25.56 4.28
N GLN A 211 0.22 -26.70 4.92
CA GLN A 211 0.66 -27.99 4.40
C GLN A 211 0.16 -28.22 2.99
N GLN A 212 -1.10 -27.91 2.73
CA GLN A 212 -1.63 -28.13 1.39
C GLN A 212 -0.86 -27.31 0.37
N ALA A 213 -0.57 -26.05 0.70
CA ALA A 213 0.20 -25.19 -0.18
C ALA A 213 1.61 -25.72 -0.37
N PHE A 214 2.25 -26.15 0.72
CA PHE A 214 3.57 -26.75 0.61
C PHE A 214 3.55 -27.98 -0.31
N GLU A 215 2.55 -28.84 -0.14
CA GLU A 215 2.42 -30.01 -1.02
C GLU A 215 2.05 -29.63 -2.46
N ALA A 216 1.31 -28.54 -2.65
CA ALA A 216 1.04 -28.07 -4.02
C ALA A 216 2.24 -27.37 -4.66
N GLY A 217 3.40 -27.37 -4.00
CA GLY A 217 4.59 -26.77 -4.56
C GLY A 217 4.76 -25.30 -4.29
N PHE A 218 4.03 -24.72 -3.34
CA PHE A 218 4.15 -23.31 -3.02
C PHE A 218 5.32 -23.06 -2.10
N GLN A 219 6.08 -21.99 -2.40
CA GLN A 219 7.18 -21.56 -1.56
C GLN A 219 6.69 -20.45 -0.64
N ALA A 220 6.94 -20.61 0.66
CA ALA A 220 6.58 -19.62 1.66
C ALA A 220 7.63 -18.50 1.69
N VAL A 221 7.15 -17.25 1.68
CA VAL A 221 8.01 -16.07 1.57
C VAL A 221 7.69 -15.06 2.67
N THR A 222 8.73 -14.39 3.16
CA THR A 222 8.63 -13.25 4.05
C THR A 222 9.28 -12.04 3.38
N LEU A 223 8.85 -10.84 3.77
CA LEU A 223 9.49 -9.60 3.37
C LEU A 223 9.88 -8.80 4.60
N GLY A 224 11.17 -8.73 4.90
CA GLY A 224 11.60 -7.85 5.96
C GLY A 224 11.49 -8.46 7.34
N LYS A 225 12.05 -7.75 8.31
CA LYS A 225 12.24 -8.36 9.62
C LYS A 225 10.95 -8.47 10.42
N ARG A 226 9.95 -7.64 10.16
CA ARG A 226 8.71 -7.66 10.91
C ARG A 226 7.60 -8.25 10.04
N ILE A 227 6.77 -9.10 10.64
CA ILE A 227 5.61 -9.67 9.95
C ILE A 227 4.48 -8.65 9.92
N LEU A 228 4.01 -8.31 8.73
CA LEU A 228 2.86 -7.42 8.58
C LEU A 228 1.57 -8.23 8.53
N ARG A 229 0.64 -7.86 9.43
CA ARG A 229 -0.66 -8.51 9.56
C ARG A 229 -1.73 -7.96 8.64
N THR A 230 -1.50 -6.83 7.99
CA THR A 230 -2.55 -6.10 7.29
C THR A 230 -2.49 -6.34 5.78
N GLU A 231 -3.35 -5.64 5.04
CA GLU A 231 -3.29 -5.64 3.59
C GLU A 231 -1.99 -5.04 3.08
N THR A 232 -1.18 -4.40 3.94
CA THR A 232 0.09 -3.85 3.48
C THR A 232 1.03 -4.94 3.00
N ALA A 233 1.00 -6.12 3.63
CA ALA A 233 1.92 -7.20 3.26
C ALA A 233 1.79 -7.65 1.80
N PRO A 234 0.61 -7.97 1.28
CA PRO A 234 0.53 -8.27 -0.17
C PRO A 234 0.85 -7.08 -1.07
N LEU A 235 0.45 -5.87 -0.67
CA LEU A 235 0.81 -4.69 -1.45
C LEU A 235 2.32 -4.50 -1.48
N ALA A 236 2.97 -4.55 -0.31
CA ALA A 236 4.40 -4.38 -0.27
C ALA A 236 5.10 -5.44 -1.12
N ALA A 237 4.55 -6.67 -1.14
CA ALA A 237 5.17 -7.77 -1.85
C ALA A 237 5.10 -7.57 -3.36
N ILE A 238 3.93 -7.14 -3.86
CA ILE A 238 3.78 -6.88 -5.30
C ILE A 238 4.71 -5.77 -5.75
N ALA A 239 4.88 -4.71 -4.93
CA ALA A 239 5.82 -3.65 -5.26
C ALA A 239 7.24 -4.19 -5.26
N ALA A 240 7.56 -5.04 -4.28
CA ALA A 240 8.87 -5.69 -4.25
C ALA A 240 9.07 -6.57 -5.48
N MET A 241 8.01 -7.24 -5.93
CA MET A 241 8.11 -8.07 -7.14
C MET A 241 8.35 -7.21 -8.37
N GLN A 242 7.65 -6.06 -8.48
CA GLN A 242 7.89 -5.16 -9.61
C GLN A 242 9.31 -4.58 -9.58
N THR A 243 9.91 -4.46 -8.39
CA THR A 243 11.27 -3.93 -8.27
C THR A 243 12.32 -4.98 -8.69
N LEU A 244 12.09 -6.25 -8.35
CA LEU A 244 13.01 -7.33 -8.73
C LEU A 244 12.80 -7.81 -10.15
N TRP A 245 11.56 -7.92 -10.60
CA TRP A 245 11.26 -8.59 -11.87
C TRP A 245 10.33 -7.79 -12.78
N GLY A 246 9.74 -6.68 -12.31
CA GLY A 246 8.80 -5.93 -13.12
C GLY A 246 9.26 -4.56 -13.64
N ASP A 247 8.33 -3.63 -13.81
CA ASP A 247 8.69 -2.37 -14.43
C ASP A 247 9.08 -1.31 -13.41
N PHE A 248 9.28 -1.68 -12.14
CA PHE A 248 9.94 -0.78 -11.20
C PHE A 248 11.45 -0.78 -11.35
N THR A 249 12.02 -1.75 -12.09
CA THR A 249 13.45 -1.73 -12.38
C THR A 249 13.64 -1.77 -13.88
N HIS B 8 -0.83 -13.61 20.75
CA HIS B 8 -0.19 -12.34 20.34
C HIS B 8 0.11 -11.50 21.58
N MET B 9 1.40 -11.30 21.87
CA MET B 9 1.78 -10.55 23.08
C MET B 9 1.54 -9.07 22.85
N PRO B 10 0.79 -8.39 23.73
CA PRO B 10 0.45 -6.98 23.47
C PRO B 10 1.65 -6.05 23.62
N ARG B 11 1.74 -5.09 22.71
CA ARG B 11 2.86 -4.15 22.66
C ARG B 11 2.37 -2.73 22.92
N PHE B 12 3.07 -2.01 23.79
CA PHE B 12 2.65 -0.68 24.16
C PHE B 12 3.83 0.26 24.12
N TYR B 13 3.62 1.43 23.52
CA TYR B 13 4.63 2.47 23.53
C TYR B 13 4.68 3.11 24.91
N LEU B 14 5.85 3.07 25.54
CA LEU B 14 6.04 3.66 26.87
C LEU B 14 7.35 4.42 26.82
N PRO B 15 7.31 5.73 26.58
CA PRO B 15 8.56 6.48 26.43
C PRO B 15 9.29 6.71 27.75
N GLU B 16 9.77 5.64 28.38
CA GLU B 16 10.49 5.74 29.64
C GLU B 16 11.68 4.79 29.61
N ASN B 17 12.76 5.18 30.28
CA ASN B 17 13.91 4.29 30.44
C ASN B 17 13.58 3.27 31.53
N LEU B 18 13.72 1.99 31.20
CA LEU B 18 13.27 0.91 32.06
C LEU B 18 14.44 0.10 32.60
N SER B 19 14.38 -0.23 33.89
CA SER B 19 15.43 -0.99 34.56
C SER B 19 15.06 -2.48 34.67
N VAL B 20 16.08 -3.33 34.63
CA VAL B 20 15.93 -4.78 34.49
C VAL B 20 15.24 -5.44 35.68
N GLY B 21 14.90 -4.66 36.70
CA GLY B 21 14.17 -5.21 37.83
C GLY B 21 13.10 -4.25 38.32
N GLN B 22 12.75 -3.26 37.50
CA GLN B 22 11.91 -2.16 37.95
C GLN B 22 10.44 -2.54 37.87
N THR B 23 9.71 -2.29 38.95
CA THR B 23 8.26 -2.44 38.99
C THR B 23 7.67 -1.05 38.84
N VAL B 24 6.98 -0.79 37.73
CA VAL B 24 6.44 0.53 37.44
C VAL B 24 4.96 0.44 37.16
N ASP B 25 4.22 1.50 37.55
CA ASP B 25 2.80 1.60 37.25
C ASP B 25 2.64 2.39 35.96
N LEU B 26 1.85 1.85 35.04
CA LEU B 26 1.70 2.32 33.68
C LEU B 26 0.74 3.51 33.62
N PRO B 27 0.88 4.38 32.63
CA PRO B 27 -0.02 5.53 32.51
C PRO B 27 -1.41 5.09 32.09
N ASP B 28 -2.35 6.04 32.20
CA ASP B 28 -3.76 5.71 32.01
C ASP B 28 -4.07 5.26 30.59
N ASN B 29 -3.31 5.72 29.59
CA ASN B 29 -3.56 5.29 28.22
C ASN B 29 -3.23 3.82 28.01
N ILE B 30 -2.21 3.31 28.71
CA ILE B 30 -1.88 1.89 28.66
C ILE B 30 -2.79 1.09 29.58
N VAL B 31 -3.30 1.71 30.66
CA VAL B 31 -4.27 1.05 31.52
C VAL B 31 -5.55 0.73 30.76
N ARG B 32 -6.11 1.75 30.08
CA ARG B 32 -7.32 1.53 29.28
C ARG B 32 -7.06 0.51 28.19
N HIS B 33 -5.89 0.58 27.56
CA HIS B 33 -5.53 -0.36 26.51
C HIS B 33 -5.45 -1.79 27.05
N LEU B 34 -4.80 -1.96 28.20
CA LEU B 34 -4.73 -3.28 28.82
C LEU B 34 -6.11 -3.77 29.20
N ASN B 35 -6.97 -2.89 29.74
CA ASN B 35 -8.31 -3.30 30.12
C ASN B 35 -9.15 -3.70 28.90
N VAL B 36 -9.08 -2.91 27.83
CA VAL B 36 -9.85 -3.24 26.63
C VAL B 36 -9.39 -4.57 26.04
N LEU B 37 -8.08 -4.86 26.12
CA LEU B 37 -7.53 -6.10 25.59
C LEU B 37 -7.74 -7.31 26.50
N ARG B 38 -8.43 -7.15 27.63
CA ARG B 38 -8.72 -8.26 28.54
C ARG B 38 -7.45 -9.01 28.92
N VAL B 39 -6.36 -8.27 29.06
CA VAL B 39 -5.09 -8.85 29.46
C VAL B 39 -5.17 -9.24 30.93
N ARG B 40 -5.02 -10.58 31.23
CA ARG B 40 -5.12 -10.98 32.63
C ARG B 40 -3.77 -10.82 33.32
N PRO B 41 -3.77 -10.51 34.61
CA PRO B 41 -2.50 -10.40 35.35
C PRO B 41 -1.72 -11.71 35.36
N ASN B 42 -0.39 -11.56 35.46
CA ASN B 42 0.66 -12.57 35.37
C ASN B 42 0.94 -12.91 33.91
N GLU B 43 0.19 -12.36 32.95
CA GLU B 43 0.54 -12.44 31.55
C GLU B 43 1.61 -11.39 31.22
N ASN B 44 2.35 -11.63 30.14
CA ASN B 44 3.45 -10.76 29.75
C ASN B 44 3.03 -9.78 28.67
N ILE B 45 3.63 -8.58 28.73
CA ILE B 45 3.42 -7.53 27.75
C ILE B 45 4.78 -7.06 27.27
N THR B 46 4.78 -6.30 26.17
CA THR B 46 6.00 -5.69 25.63
C THR B 46 5.91 -4.18 25.77
N LEU B 47 6.96 -3.57 26.32
CA LEU B 47 7.03 -2.12 26.48
C LEU B 47 8.26 -1.61 25.73
N PHE B 48 8.05 -0.67 24.80
CA PHE B 48 9.14 -0.07 24.04
C PHE B 48 9.13 1.45 24.14
N ASP B 49 10.33 2.03 24.12
CA ASP B 49 10.55 3.43 24.41
C ASP B 49 10.51 4.34 23.18
N GLY B 50 10.24 3.81 22.00
CA GLY B 50 10.22 4.62 20.80
C GLY B 50 11.60 4.91 20.23
N LYS B 51 12.67 4.58 20.95
CA LYS B 51 14.03 4.84 20.55
C LYS B 51 14.77 3.58 20.13
N GLY B 52 14.07 2.46 19.99
CA GLY B 52 14.66 1.23 19.50
C GLY B 52 14.84 0.13 20.52
N LYS B 53 14.52 0.35 21.79
CA LYS B 53 14.77 -0.63 22.84
C LYS B 53 13.45 -1.08 23.46
N ALA B 54 13.27 -2.40 23.57
CA ALA B 54 12.07 -2.97 24.16
C ALA B 54 12.44 -3.84 25.35
N HIS B 55 11.46 -4.07 26.21
CA HIS B 55 11.64 -4.88 27.41
C HIS B 55 10.43 -5.81 27.54
N THR B 56 10.64 -6.95 28.19
CA THR B 56 9.53 -7.84 28.51
C THR B 56 9.08 -7.57 29.94
N ALA B 57 7.75 -7.49 30.12
CA ALA B 57 7.21 -7.17 31.43
C ALA B 57 6.09 -8.15 31.80
N ARG B 58 6.05 -8.52 33.07
CA ARG B 58 5.00 -9.36 33.62
C ARG B 58 3.94 -8.45 34.23
N LEU B 59 2.70 -8.61 33.78
CA LEU B 59 1.61 -7.78 34.27
C LEU B 59 1.32 -8.13 35.73
N THR B 60 1.66 -7.21 36.64
CA THR B 60 1.51 -7.46 38.07
C THR B 60 0.10 -7.14 38.55
N VAL B 61 -0.30 -5.88 38.48
CA VAL B 61 -1.64 -5.44 38.87
C VAL B 61 -2.37 -4.87 37.66
N LEU B 62 -3.69 -4.98 37.68
CA LEU B 62 -4.51 -4.34 36.64
C LEU B 62 -5.90 -4.09 37.19
N GLU B 63 -6.27 -2.82 37.31
CA GLU B 63 -7.59 -2.38 37.73
C GLU B 63 -8.21 -1.54 36.61
N LYS B 64 -9.34 -0.90 36.88
CA LYS B 64 -9.95 -0.03 35.89
C LYS B 64 -9.13 1.23 35.67
N HIS B 65 -8.31 1.62 36.66
CA HIS B 65 -7.50 2.83 36.59
C HIS B 65 -6.14 2.64 37.25
N ARG B 66 -5.56 1.44 37.13
CA ARG B 66 -4.22 1.17 37.62
C ARG B 66 -3.67 -0.07 36.93
N ALA B 67 -2.36 -0.07 36.70
CA ALA B 67 -1.70 -1.22 36.14
C ALA B 67 -0.22 -1.12 36.49
N GLU B 68 0.38 -2.26 36.86
CA GLU B 68 1.78 -2.33 37.27
C GLU B 68 2.44 -3.53 36.59
N ALA B 69 3.73 -3.42 36.31
CA ALA B 69 4.46 -4.48 35.63
C ALA B 69 5.92 -4.49 36.05
N GLU B 70 6.54 -5.68 36.00
CA GLU B 70 7.92 -5.87 36.41
C GLU B 70 8.75 -6.22 35.19
N ILE B 71 9.89 -5.54 35.03
CA ILE B 71 10.71 -5.67 33.82
C ILE B 71 11.55 -6.93 33.94
N LEU B 72 11.25 -7.92 33.10
CA LEU B 72 12.00 -9.18 33.14
C LEU B 72 13.35 -9.05 32.45
N HIS B 73 13.36 -8.53 31.23
CA HIS B 73 14.59 -8.49 30.43
C HIS B 73 14.37 -7.57 29.23
N GLU B 74 15.45 -7.29 28.53
CA GLU B 74 15.43 -6.39 27.38
C GLU B 74 15.34 -7.24 26.12
N ASP B 75 14.45 -6.86 25.21
CA ASP B 75 14.22 -7.66 24.01
C ASP B 75 15.31 -7.43 22.99
N THR B 76 15.91 -8.52 22.51
CA THR B 76 16.94 -8.43 21.50
C THR B 76 16.39 -8.53 20.08
N THR B 77 15.08 -8.75 19.91
CA THR B 77 14.55 -9.04 18.57
C THR B 77 14.76 -7.86 17.62
N ASP B 78 15.75 -7.97 16.71
CA ASP B 78 16.07 -6.90 15.79
C ASP B 78 14.94 -6.76 14.77
N ASN B 79 14.10 -5.74 14.96
CA ASN B 79 12.98 -5.51 14.06
C ASN B 79 13.14 -4.32 13.13
N GLU B 80 13.99 -3.36 13.47
CA GLU B 80 14.08 -2.15 12.67
C GLU B 80 14.84 -2.41 11.38
N SER B 81 14.36 -1.83 10.28
CA SER B 81 15.19 -1.77 9.10
C SER B 81 16.28 -0.75 9.35
N PRO B 82 17.50 -0.99 8.89
CA PRO B 82 18.56 0.00 9.09
C PRO B 82 18.41 1.22 8.20
N LEU B 83 17.51 1.20 7.22
CA LEU B 83 17.37 2.35 6.35
C LEU B 83 16.71 3.50 7.10
N ASN B 84 17.29 4.67 6.95
CA ASN B 84 16.82 5.92 7.51
C ASN B 84 16.07 6.61 6.37
N ILE B 85 14.75 6.62 6.46
CA ILE B 85 13.93 7.14 5.39
C ILE B 85 13.03 8.21 5.96
N THR B 86 13.16 9.43 5.44
CA THR B 86 12.23 10.51 5.75
C THR B 86 11.25 10.66 4.60
N LEU B 87 9.96 10.63 4.93
CA LEU B 87 8.89 10.89 3.97
C LEU B 87 8.48 12.35 4.08
N ILE B 88 8.75 13.12 3.02
CA ILE B 88 8.14 14.43 2.88
C ILE B 88 6.84 14.24 2.10
N GLN B 89 5.71 14.55 2.75
CA GLN B 89 4.39 14.25 2.20
C GLN B 89 3.58 15.54 2.02
N SER B 90 3.15 15.79 0.79
CA SER B 90 2.20 16.88 0.54
C SER B 90 0.86 16.53 1.16
N ILE B 91 0.33 17.38 2.04
CA ILE B 91 -0.83 17.01 2.84
C ILE B 91 -2.06 16.76 1.97
N SER B 92 -2.55 15.52 2.02
CA SER B 92 -3.70 15.01 1.30
C SER B 92 -4.82 14.64 2.27
N SER B 93 -6.01 14.42 1.72
CA SER B 93 -7.21 14.41 2.55
C SER B 93 -7.18 13.27 3.54
N GLY B 94 -7.68 13.56 4.75
CA GLY B 94 -7.63 12.75 5.95
C GLY B 94 -7.76 11.24 5.85
N ASP B 95 -8.72 10.76 5.05
CA ASP B 95 -8.85 9.31 4.88
C ASP B 95 -7.55 8.74 4.31
N ARG B 96 -6.99 9.46 3.33
CA ARG B 96 -5.78 9.03 2.65
C ARG B 96 -4.55 9.22 3.53
N MET B 97 -4.52 10.29 4.32
CA MET B 97 -3.38 10.52 5.19
C MET B 97 -3.22 9.42 6.24
N ASP B 98 -4.34 8.97 6.83
CA ASP B 98 -4.27 7.86 7.79
C ASP B 98 -3.63 6.64 7.15
N PHE B 99 -4.06 6.31 5.93
CA PHE B 99 -3.48 5.21 5.17
C PHE B 99 -1.99 5.47 4.93
N THR B 100 -1.63 6.70 4.53
CA THR B 100 -0.24 7.07 4.32
C THR B 100 0.60 6.85 5.57
N LEU B 101 0.08 7.25 6.72
CA LEU B 101 0.84 7.14 7.96
C LEU B 101 1.03 5.68 8.35
N GLN B 102 -0.07 4.90 8.34
CA GLN B 102 -0.04 3.53 8.82
C GLN B 102 0.89 2.68 7.98
N LYS B 103 0.80 2.80 6.66
CA LYS B 103 1.56 1.95 5.76
C LYS B 103 3.04 2.35 5.74
N SER B 104 3.36 3.63 5.84
CA SER B 104 4.76 4.05 5.89
C SER B 104 5.42 3.60 7.18
N VAL B 105 4.67 3.63 8.30
CA VAL B 105 5.26 3.18 9.55
C VAL B 105 5.48 1.68 9.49
N GLU B 106 4.50 0.94 8.98
CA GLU B 106 4.62 -0.49 8.80
C GLU B 106 5.85 -0.87 7.97
N LEU B 107 6.18 -0.12 6.92
CA LEU B 107 7.33 -0.46 6.07
C LEU B 107 8.64 0.16 6.55
N GLY B 108 8.64 0.82 7.69
CA GLY B 108 9.89 1.23 8.32
C GLY B 108 10.32 2.66 8.11
N VAL B 109 9.44 3.58 7.69
CA VAL B 109 9.83 4.99 7.56
C VAL B 109 10.34 5.49 8.91
N THR B 110 11.35 6.36 8.86
CA THR B 110 12.00 6.80 10.09
C THR B 110 11.46 8.11 10.63
N ALA B 111 10.94 9.00 9.78
CA ALA B 111 10.36 10.28 10.18
C ALA B 111 9.40 10.73 9.09
N ILE B 112 8.49 11.62 9.44
CA ILE B 112 7.48 12.05 8.50
C ILE B 112 7.39 13.56 8.55
N GLN B 113 7.59 14.20 7.38
CA GLN B 113 7.54 15.65 7.26
C GLN B 113 6.33 16.07 6.42
N PRO B 114 5.19 16.36 7.04
CA PRO B 114 4.03 16.85 6.29
C PRO B 114 4.30 18.25 5.79
N VAL B 115 3.85 18.51 4.56
CA VAL B 115 4.19 19.75 3.87
C VAL B 115 3.01 20.24 3.03
N ILE B 116 2.88 21.57 2.93
CA ILE B 116 1.89 22.20 2.07
C ILE B 116 2.53 22.61 0.75
N SER B 117 2.04 22.04 -0.36
CA SER B 117 2.47 22.39 -1.71
C SER B 117 1.35 23.12 -2.44
N GLU B 118 1.64 23.62 -3.65
CA GLU B 118 0.71 24.56 -4.30
C GLU B 118 -0.68 23.95 -4.49
N ARG B 119 -0.75 22.69 -4.95
CA ARG B 119 -2.04 22.07 -5.23
C ARG B 119 -2.64 21.39 -4.01
N CYS B 120 -2.04 21.57 -2.83
CA CYS B 120 -2.66 21.07 -1.61
CA CYS B 120 -2.65 21.08 -1.60
C CYS B 120 -3.89 21.90 -1.26
N ILE B 121 -4.86 21.23 -0.63
CA ILE B 121 -6.09 21.89 -0.21
C ILE B 121 -6.18 21.80 1.31
N VAL B 122 -5.44 22.66 2.01
CA VAL B 122 -5.48 22.70 3.47
C VAL B 122 -6.31 23.89 3.95
N ARG B 128 -5.79 24.48 15.56
CA ARG B 128 -6.40 23.30 14.95
C ARG B 128 -5.38 22.48 14.14
N ALA B 129 -4.24 23.10 13.81
CA ALA B 129 -3.15 22.33 13.23
C ALA B 129 -2.51 21.41 14.26
N ALA B 130 -2.32 21.91 15.48
CA ALA B 130 -1.72 21.10 16.54
C ALA B 130 -2.56 19.86 16.83
N LYS B 131 -3.89 19.99 16.80
CA LYS B 131 -4.74 18.84 17.06
C LYS B 131 -4.67 17.82 15.93
N ARG B 132 -4.52 18.28 14.68
CA ARG B 132 -4.37 17.32 13.58
C ARG B 132 -3.04 16.58 13.69
N LEU B 133 -1.97 17.30 13.99
CA LEU B 133 -0.64 16.69 14.14
C LEU B 133 -0.64 15.63 15.24
N ALA B 134 -1.22 15.95 16.39
CA ALA B 134 -1.25 15.01 17.51
C ALA B 134 -2.10 13.78 17.19
N ARG B 135 -3.17 13.94 16.40
CA ARG B 135 -3.93 12.79 15.95
C ARG B 135 -3.10 11.93 15.00
N TRP B 136 -2.31 12.57 14.14
CA TRP B 136 -1.39 11.83 13.27
C TRP B 136 -0.33 11.08 14.06
N GLN B 137 0.27 11.74 15.05
CA GLN B 137 1.27 11.06 15.86
C GLN B 137 0.67 9.86 16.57
N GLU B 138 -0.61 9.97 16.97
CA GLU B 138 -1.28 8.88 17.66
C GLU B 138 -1.49 7.69 16.72
N ILE B 139 -1.84 7.97 15.45
CA ILE B 139 -1.97 6.91 14.46
C ILE B 139 -0.62 6.24 14.25
N VAL B 140 0.45 7.03 14.24
CA VAL B 140 1.79 6.50 14.09
C VAL B 140 2.13 5.57 15.25
N ILE B 141 1.86 6.01 16.48
CA ILE B 141 2.24 5.21 17.66
C ILE B 141 1.49 3.88 17.66
N SER B 142 0.18 3.89 17.41
CA SER B 142 -0.57 2.64 17.37
C SER B 142 -0.04 1.71 16.29
N ALA B 143 0.35 2.27 15.14
CA ALA B 143 0.89 1.43 14.08
C ALA B 143 2.27 0.87 14.45
N CYS B 144 3.04 1.57 15.29
CA CYS B 144 4.28 0.96 15.76
C CYS B 144 3.99 -0.20 16.70
N GLU B 145 3.04 0.00 17.61
CA GLU B 145 2.60 -1.07 18.49
C GLU B 145 2.10 -2.26 17.68
N GLN B 146 1.33 -2.02 16.62
CA GLN B 146 0.78 -3.14 15.85
C GLN B 146 1.83 -3.80 14.95
N SER B 147 2.66 -3.03 14.28
CA SER B 147 3.58 -3.64 13.33
C SER B 147 4.83 -4.22 13.98
N GLY B 148 4.98 -4.11 15.31
CA GLY B 148 6.13 -4.67 15.99
C GLY B 148 7.41 -3.84 15.95
N ARG B 149 7.29 -2.52 15.80
CA ARG B 149 8.44 -1.62 15.79
C ARG B 149 8.80 -1.16 17.18
N ASN B 150 10.09 -1.00 17.42
CA ASN B 150 10.57 -0.36 18.65
C ASN B 150 10.87 1.12 18.48
N THR B 151 10.79 1.65 17.26
CA THR B 151 11.08 3.05 16.99
C THR B 151 9.81 3.78 16.55
N VAL B 152 9.50 4.88 17.21
CA VAL B 152 8.31 5.68 16.89
C VAL B 152 8.77 6.84 16.01
N PRO B 153 8.40 6.85 14.73
CA PRO B 153 8.81 7.96 13.86
C PRO B 153 8.15 9.27 14.24
N PRO B 154 8.90 10.34 14.34
CA PRO B 154 8.27 11.63 14.62
C PRO B 154 7.50 12.14 13.41
N VAL B 155 6.38 12.80 13.70
CA VAL B 155 5.67 13.56 12.68
C VAL B 155 6.04 15.03 12.91
N LEU B 156 6.87 15.54 12.01
CA LEU B 156 7.44 16.86 12.19
C LEU B 156 6.37 17.91 11.95
N PRO B 157 6.51 19.07 12.59
CA PRO B 157 5.53 20.14 12.38
C PRO B 157 5.44 20.55 10.92
N ILE B 158 4.21 20.87 10.49
CA ILE B 158 3.95 21.23 9.11
C ILE B 158 4.82 22.43 8.72
N ILE B 159 5.37 22.37 7.51
CA ILE B 159 6.08 23.50 6.92
C ILE B 159 5.65 23.59 5.46
N GLY B 160 6.01 24.69 4.82
CA GLY B 160 5.76 24.81 3.40
C GLY B 160 6.72 23.98 2.59
N TYR B 161 6.36 23.76 1.33
CA TYR B 161 7.17 22.96 0.40
C TYR B 161 8.56 23.57 0.22
N ARG B 162 8.64 24.87 -0.05
CA ARG B 162 9.94 25.49 -0.32
C ARG B 162 10.83 25.36 0.90
N GLU B 163 10.26 25.55 2.10
CA GLU B 163 11.04 25.49 3.34
C GLU B 163 11.57 24.09 3.60
N ALA B 164 10.80 23.06 3.26
CA ALA B 164 11.28 21.70 3.47
C ALA B 164 12.38 21.33 2.49
N LEU B 165 12.46 22.03 1.34
CA LEU B 165 13.49 21.71 0.37
C LEU B 165 14.88 21.97 0.91
N ASP B 166 15.08 23.11 1.59
CA ASP B 166 16.43 23.51 1.98
C ASP B 166 16.85 22.96 3.33
N LYS B 167 16.17 21.92 3.82
CA LYS B 167 16.44 21.43 5.16
C LYS B 167 17.54 20.37 5.19
N MET B 168 17.48 19.38 4.28
CA MET B 168 18.28 18.17 4.44
C MET B 168 19.76 18.43 4.15
N PRO B 169 20.65 17.62 4.75
CA PRO B 169 22.09 17.75 4.45
C PRO B 169 22.43 17.27 3.06
N SER B 170 23.62 17.69 2.61
CA SER B 170 24.10 17.32 1.29
C SER B 170 24.28 15.81 1.14
N GLU B 171 24.82 15.16 2.18
CA GLU B 171 25.16 13.75 2.10
C GLU B 171 23.93 12.85 1.94
N ASN B 172 22.74 13.39 2.15
CA ASN B 172 21.53 12.58 2.00
C ASN B 172 21.26 12.23 0.55
N THR B 173 20.57 11.10 0.37
CA THR B 173 20.03 10.74 -0.93
C THR B 173 18.64 11.36 -0.98
N LYS B 174 18.44 12.29 -1.90
CA LYS B 174 17.29 13.18 -1.90
C LYS B 174 16.49 12.89 -3.16
N LEU B 175 15.28 12.39 -2.99
CA LEU B 175 14.47 11.88 -4.09
C LEU B 175 13.14 12.63 -4.15
N ILE B 176 12.65 12.87 -5.36
CA ILE B 176 11.28 13.35 -5.53
C ILE B 176 10.56 12.36 -6.43
N MET B 177 9.44 11.83 -5.92
CA MET B 177 8.60 10.93 -6.69
C MET B 177 7.87 11.77 -7.73
N SER B 178 8.04 11.45 -9.00
CA SER B 178 7.42 12.23 -10.07
C SER B 178 6.93 11.30 -11.17
N ILE B 179 5.90 11.77 -11.89
CA ILE B 179 5.19 10.96 -12.86
C ILE B 179 5.74 11.09 -14.27
N ASN B 180 6.83 11.84 -14.47
CA ASN B 180 7.32 12.13 -15.81
C ASN B 180 8.35 11.12 -16.30
N ARG B 181 8.40 9.94 -15.66
CA ARG B 181 9.31 8.86 -16.03
C ARG B 181 10.76 9.34 -16.14
N ALA B 182 11.22 10.02 -15.10
CA ALA B 182 12.56 10.59 -15.10
C ALA B 182 13.58 9.46 -15.14
N CYS B 183 13.93 8.91 -13.98
CA CYS B 183 14.71 7.68 -13.96
C CYS B 183 14.12 6.74 -12.92
N LYS B 184 14.52 5.48 -13.00
CA LYS B 184 14.09 4.43 -12.09
C LYS B 184 14.85 4.49 -10.78
N LEU B 185 14.28 3.83 -9.77
CA LEU B 185 14.92 3.80 -8.46
C LEU B 185 16.25 3.08 -8.53
N GLY B 186 16.37 2.09 -9.42
CA GLY B 186 17.60 1.34 -9.54
C GLY B 186 18.74 2.15 -10.12
N ASP B 187 18.41 3.17 -10.91
CA ASP B 187 19.43 4.00 -11.55
C ASP B 187 20.03 5.06 -10.62
N ILE B 188 19.63 5.13 -9.34
CA ILE B 188 20.27 6.04 -8.40
C ILE B 188 21.33 5.29 -7.61
N ARG B 189 22.46 5.95 -7.34
CA ARG B 189 23.55 5.35 -6.58
C ARG B 189 23.09 4.84 -5.21
N HIS B 190 23.59 3.67 -4.83
CA HIS B 190 23.25 3.04 -3.57
C HIS B 190 23.47 4.04 -2.43
N PRO B 191 22.46 4.34 -1.62
CA PRO B 191 22.61 5.40 -0.60
C PRO B 191 23.70 5.07 0.42
N SER B 192 24.43 6.11 0.80
CA SER B 192 25.49 5.98 1.80
C SER B 192 24.97 6.27 3.19
N GLY B 193 24.08 7.23 3.31
CA GLY B 193 23.52 7.59 4.60
C GLY B 193 22.01 7.58 4.56
N ALA B 194 21.41 8.73 4.81
CA ALA B 194 19.98 8.86 4.94
C ALA B 194 19.32 9.01 3.57
N ILE B 195 18.02 8.72 3.55
CA ILE B 195 17.16 8.88 2.39
C ILE B 195 16.03 9.84 2.73
N VAL B 196 15.73 10.74 1.80
CA VAL B 196 14.58 11.62 1.88
C VAL B 196 13.81 11.47 0.56
N PHE B 197 12.53 11.15 0.63
CA PHE B 197 11.74 11.05 -0.59
C PHE B 197 10.44 11.85 -0.46
N MET B 198 10.05 12.49 -1.55
CA MET B 198 8.98 13.48 -1.60
C MET B 198 7.80 12.99 -2.43
N VAL B 199 6.60 13.08 -1.86
CA VAL B 199 5.36 12.64 -2.52
C VAL B 199 4.38 13.82 -2.55
N GLY B 200 3.77 14.04 -3.72
CA GLY B 200 2.84 15.12 -3.92
C GLY B 200 1.39 14.77 -3.60
N PRO B 201 0.52 15.75 -3.68
CA PRO B 201 -0.90 15.53 -3.35
C PRO B 201 -1.63 14.93 -4.53
N GLU B 202 -2.95 14.76 -4.41
CA GLU B 202 -3.74 14.24 -5.52
C GLU B 202 -3.42 14.96 -6.83
N GLY B 203 -3.49 16.30 -6.81
CA GLY B 203 -3.25 17.10 -8.00
C GLY B 203 -1.80 17.10 -8.48
N GLY B 204 -0.87 16.70 -7.62
CA GLY B 204 0.53 16.54 -8.01
C GLY B 204 1.38 17.79 -7.88
N TRP B 205 2.62 17.65 -8.37
CA TRP B 205 3.57 18.74 -8.35
C TRP B 205 3.34 19.67 -9.53
N THR B 206 3.58 20.97 -9.34
CA THR B 206 3.64 21.85 -10.49
C THR B 206 5.02 21.80 -11.13
N GLU B 207 5.09 22.29 -12.36
CA GLU B 207 6.36 22.40 -13.07
C GLU B 207 7.38 23.22 -12.28
N GLN B 208 6.93 24.30 -11.64
CA GLN B 208 7.83 25.12 -10.84
C GLN B 208 8.36 24.39 -9.61
N GLU B 209 7.49 23.62 -8.94
CA GLU B 209 7.90 22.87 -7.76
C GLU B 209 8.89 21.75 -8.11
N GLU B 210 8.69 21.10 -9.26
CA GLU B 210 9.66 20.10 -9.67
C GLU B 210 11.02 20.72 -9.99
N GLN B 211 11.01 21.80 -10.78
CA GLN B 211 12.23 22.54 -11.07
C GLN B 211 12.92 22.97 -9.77
N GLN B 212 12.13 23.50 -8.83
CA GLN B 212 12.67 23.90 -7.54
C GLN B 212 13.31 22.73 -6.80
N ALA B 213 12.68 21.54 -6.86
CA ALA B 213 13.26 20.38 -6.19
C ALA B 213 14.62 20.01 -6.78
N PHE B 214 14.75 20.02 -8.11
CA PHE B 214 16.06 19.73 -8.68
C PHE B 214 17.13 20.69 -8.19
N GLU B 215 16.83 22.00 -8.13
CA GLU B 215 17.84 22.98 -7.71
C GLU B 215 18.34 22.67 -6.31
N ALA B 216 17.46 22.11 -5.45
CA ALA B 216 17.84 21.66 -4.11
C ALA B 216 18.58 20.33 -4.13
N GLY B 217 18.86 19.77 -5.31
CA GLY B 217 19.55 18.51 -5.40
C GLY B 217 18.67 17.28 -5.36
N PHE B 218 17.36 17.42 -5.56
CA PHE B 218 16.46 16.28 -5.54
C PHE B 218 16.48 15.58 -6.89
N GLN B 219 16.58 14.25 -6.85
CA GLN B 219 16.54 13.43 -8.05
C GLN B 219 15.12 12.90 -8.25
N ALA B 220 14.59 13.10 -9.45
CA ALA B 220 13.26 12.62 -9.79
C ALA B 220 13.28 11.12 -10.08
N VAL B 221 12.35 10.40 -9.46
CA VAL B 221 12.28 8.95 -9.57
C VAL B 221 10.87 8.57 -9.99
N THR B 222 10.77 7.67 -10.95
CA THR B 222 9.48 7.10 -11.33
C THR B 222 9.47 5.62 -11.02
N LEU B 223 8.33 5.11 -10.58
CA LEU B 223 8.15 3.67 -10.31
C LEU B 223 7.09 3.21 -11.29
N GLY B 224 7.50 2.68 -12.42
CA GLY B 224 6.56 2.09 -13.35
C GLY B 224 5.79 3.13 -14.14
N LYS B 225 5.03 2.61 -15.10
CA LYS B 225 4.25 3.40 -16.05
C LYS B 225 2.93 3.89 -15.48
N ARG B 226 2.48 3.35 -14.36
CA ARG B 226 1.16 3.63 -13.81
C ARG B 226 1.16 4.72 -12.74
N ILE B 227 0.12 5.56 -12.77
CA ILE B 227 -0.06 6.59 -11.77
C ILE B 227 -0.59 5.94 -10.49
N LEU B 228 0.15 6.14 -9.42
CA LEU B 228 -0.20 5.66 -8.09
C LEU B 228 -1.00 6.71 -7.35
N ARG B 229 -2.00 6.29 -6.55
CA ARG B 229 -2.64 7.34 -5.79
C ARG B 229 -1.67 7.81 -4.72
N THR B 230 -2.01 8.94 -4.09
CA THR B 230 -1.04 9.61 -3.23
C THR B 230 -0.77 8.80 -1.95
N GLU B 231 -1.77 8.08 -1.43
CA GLU B 231 -1.55 7.25 -0.26
C GLU B 231 -0.80 5.96 -0.61
N THR B 232 -0.87 5.53 -1.87
CA THR B 232 -0.14 4.39 -2.39
C THR B 232 1.35 4.68 -2.63
N ALA B 233 1.71 5.90 -3.01
CA ALA B 233 3.09 6.16 -3.44
C ALA B 233 4.13 5.85 -2.38
N PRO B 234 4.02 6.30 -1.12
CA PRO B 234 5.06 5.94 -0.15
C PRO B 234 5.14 4.44 0.15
N LEU B 235 4.03 3.73 0.09
CA LEU B 235 4.07 2.29 0.26
C LEU B 235 4.89 1.65 -0.84
N ALA B 236 4.54 1.91 -2.09
CA ALA B 236 5.31 1.35 -3.20
C ALA B 236 6.76 1.82 -3.15
N ALA B 237 7.01 3.07 -2.74
CA ALA B 237 8.37 3.59 -2.75
C ALA B 237 9.21 2.94 -1.66
N ILE B 238 8.71 2.92 -0.43
CA ILE B 238 9.48 2.33 0.65
C ILE B 238 9.67 0.83 0.42
N ALA B 239 8.66 0.16 -0.14
CA ALA B 239 8.82 -1.26 -0.43
C ALA B 239 9.93 -1.49 -1.43
N ALA B 240 9.96 -0.68 -2.50
CA ALA B 240 11.04 -0.80 -3.48
C ALA B 240 12.39 -0.50 -2.85
N MET B 241 12.44 0.50 -1.95
CA MET B 241 13.70 0.85 -1.31
C MET B 241 14.18 -0.27 -0.39
N GLN B 242 13.28 -0.86 0.40
CA GLN B 242 13.72 -1.97 1.23
C GLN B 242 14.18 -3.15 0.38
N THR B 243 13.63 -3.28 -0.82
CA THR B 243 14.01 -4.37 -1.73
C THR B 243 15.39 -4.15 -2.34
N LEU B 244 15.71 -2.91 -2.75
CA LEU B 244 17.04 -2.65 -3.32
C LEU B 244 18.09 -2.41 -2.25
N TRP B 245 17.73 -1.71 -1.18
CA TRP B 245 18.74 -1.28 -0.22
C TRP B 245 18.44 -1.65 1.21
N GLY B 246 17.24 -2.11 1.50
CA GLY B 246 16.84 -2.39 2.87
C GLY B 246 16.75 -3.86 3.22
N ASP B 247 15.77 -4.20 4.07
CA ASP B 247 15.67 -5.52 4.67
C ASP B 247 14.75 -6.49 3.91
N PHE B 248 14.29 -6.17 2.69
CA PHE B 248 13.60 -7.16 1.85
C PHE B 248 14.55 -8.07 1.08
N THR B 249 15.83 -7.74 0.99
CA THR B 249 16.81 -8.58 0.34
C THR B 249 17.99 -8.78 1.28
N SAM C . 0.52 14.96 -11.16
CA SAM C . -0.38 13.96 -11.73
C SAM C . -1.66 14.62 -12.24
O SAM C . -2.74 14.35 -11.70
OXT SAM C . -1.62 15.40 -13.19
CB SAM C . -0.75 12.82 -10.73
CG SAM C . -0.53 13.00 -9.22
SD SAM C . -0.28 11.44 -8.32
CE SAM C . -1.97 10.84 -8.00
C5' SAM C . 0.15 11.98 -6.65
C4' SAM C . 1.63 11.88 -6.28
O4' SAM C . 2.01 10.53 -6.19
C3' SAM C . 2.58 12.54 -7.28
O3' SAM C . 2.93 13.88 -6.96
C2' SAM C . 3.81 11.66 -7.20
O2' SAM C . 4.63 12.16 -6.18
C1' SAM C . 3.30 10.33 -6.72
N9 SAM C . 3.29 9.29 -7.79
C8 SAM C . 2.22 8.83 -8.48
N7 SAM C . 2.63 7.89 -9.36
C5 SAM C . 3.98 7.76 -9.27
C6 SAM C . 4.92 6.96 -9.93
N6 SAM C . 4.56 6.09 -10.87
N1 SAM C . 6.25 7.08 -9.59
C2 SAM C . 6.64 7.98 -8.62
N3 SAM C . 5.72 8.76 -7.98
C4 SAM C . 4.40 8.65 -8.29
#